data_4B65
#
_entry.id   4B65
#
_cell.length_a   77.990
_cell.length_b   84.460
_cell.length_c   145.620
_cell.angle_alpha   90.00
_cell.angle_beta   90.00
_cell.angle_gamma   90.00
#
_symmetry.space_group_name_H-M   'I 2 2 2'
#
loop_
_entity.id
_entity.type
_entity.pdbx_description
1 polymer 'L-ORNITHINE N5 MONOOXYGENASE'
2 non-polymer 'FLAVIN-ADENINE DINUCLEOTIDE'
3 non-polymer 'NADPH DIHYDRO-NICOTINAMIDE-ADENINE-DINUCLEOTIDE PHOSPHATE'
4 non-polymer 'SULFATE ION'
5 non-polymer GLYCEROL
6 water water
#
_entity_poly.entity_id   1
_entity_poly.type   'polypeptide(L)'
_entity_poly.pdbx_seq_one_letter_code
;MESVERKSESSYLGMRNMQPEQRLSLDPPRLRSTPQDELHDLLCVGFGPASLAIAIALHDALDPRLNKSASNIHAQPKIC
FLERQKQFAWHSGMLVPGSKMQISFIKDLATLRDPRSSFTFLNYLHQKGRLIHFTNLSTFLPARLEFEDYMRWCAQQFSD
VVAYGEEVVEVIPGKSDPSSSVVDFFTVRSRNVETGEISARRTRKVVIAIGGTAKMPSGLPQDPRIIHSSKYCTTLPALL
KDKSKPYNIAVLGSGQSAAEIFHDLQKRYPNSRTTLIMRDSAMRPSDDSPFVNEIFNPERVDKFYSQSAAERQRSLLADK
ATNYSVVRLELIEEIYNDMYLQRVKNPDETQWQHRILPERKITRVEHHGPQSRMRIHLKSSKPESEGAANDVKETLEVDA
LMVATGYNRNAHERLLSKVQHLRPTGQDQWKPHRDYRVEMDPSKVSSEAGIWLQGCNERTHGLSDSLLSVLAVRGGEMVQ
SIFGEQLERAAVQGHQLRAML
;
_entity_poly.pdbx_strand_id   A
#
loop_
_chem_comp.id
_chem_comp.type
_chem_comp.name
_chem_comp.formula
FAD non-polymer 'FLAVIN-ADENINE DINUCLEOTIDE' 'C27 H33 N9 O15 P2'
GOL non-polymer GLYCEROL 'C3 H8 O3'
NDP non-polymer 'NADPH DIHYDRO-NICOTINAMIDE-ADENINE-DINUCLEOTIDE PHOSPHATE' 'C21 H30 N7 O17 P3'
SO4 non-polymer 'SULFATE ION' 'O4 S -2'
#
# COMPACT_ATOMS: atom_id res chain seq x y z
N PRO A 29 -12.74 23.03 12.79
CA PRO A 29 -12.34 23.21 11.39
C PRO A 29 -12.86 22.10 10.48
N ARG A 30 -13.90 22.39 9.70
CA ARG A 30 -14.41 21.39 8.76
C ARG A 30 -14.04 21.78 7.34
N LEU A 31 -13.29 20.91 6.67
CA LEU A 31 -12.87 21.14 5.28
C LEU A 31 -14.07 21.06 4.33
N ARG A 32 -14.37 22.17 3.67
CA ARG A 32 -15.47 22.24 2.73
C ARG A 32 -14.96 21.93 1.32
N SER A 33 -15.85 21.40 0.49
CA SER A 33 -15.52 21.03 -0.89
C SER A 33 -15.20 22.26 -1.74
N THR A 34 -14.34 22.07 -2.72
CA THR A 34 -14.06 23.10 -3.70
C THR A 34 -14.83 22.73 -4.97
N PRO A 35 -15.50 23.72 -5.59
CA PRO A 35 -16.05 23.51 -6.93
C PRO A 35 -14.99 23.00 -7.91
N GLN A 36 -15.40 22.11 -8.79
CA GLN A 36 -14.52 21.43 -9.74
C GLN A 36 -13.73 22.38 -10.66
N ASP A 37 -14.34 23.54 -10.96
CA ASP A 37 -13.74 24.48 -11.91
CA ASP A 37 -13.79 24.53 -11.89
C ASP A 37 -12.75 25.48 -11.28
N GLU A 38 -12.67 25.50 -9.95
CA GLU A 38 -11.77 26.43 -9.26
C GLU A 38 -10.32 25.91 -9.21
N LEU A 39 -9.36 26.83 -9.18
CA LEU A 39 -7.96 26.44 -9.02
C LEU A 39 -7.72 25.96 -7.59
N HIS A 40 -7.30 24.71 -7.46
CA HIS A 40 -7.03 24.10 -6.16
C HIS A 40 -5.65 24.46 -5.68
N ASP A 41 -5.49 24.48 -4.35
CA ASP A 41 -4.15 24.59 -3.78
C ASP A 41 -3.46 23.23 -3.82
N LEU A 42 -4.24 22.20 -3.54
CA LEU A 42 -3.73 20.84 -3.56
C LEU A 42 -4.74 19.86 -4.13
N LEU A 43 -4.22 18.96 -4.98
CA LEU A 43 -4.95 17.80 -5.51
CA LEU A 43 -4.97 17.80 -5.48
C LEU A 43 -4.14 16.54 -5.19
N CYS A 44 -4.75 15.62 -4.29
CA CYS A 44 -4.06 14.38 -4.00
CA CYS A 44 -4.06 14.36 -3.99
C CYS A 44 -4.63 13.24 -4.86
N VAL A 45 -3.75 12.46 -5.49
CA VAL A 45 -4.18 11.28 -6.24
C VAL A 45 -4.09 10.07 -5.31
N GLY A 46 -5.22 9.44 -5.07
CA GLY A 46 -5.32 8.33 -4.13
C GLY A 46 -5.85 8.80 -2.79
N PHE A 47 -6.62 7.95 -2.13
CA PHE A 47 -7.04 8.21 -0.77
C PHE A 47 -6.89 6.94 0.06
N GLY A 48 -5.67 6.41 0.04
CA GLY A 48 -5.28 5.33 0.94
C GLY A 48 -4.70 5.95 2.20
N PRO A 49 -4.06 5.13 3.04
CA PRO A 49 -3.52 5.63 4.31
C PRO A 49 -2.58 6.85 4.17
N ALA A 50 -1.74 6.85 3.13
CA ALA A 50 -0.76 7.93 2.95
C ALA A 50 -1.42 9.29 2.73
N SER A 51 -2.41 9.35 1.83
CA SER A 51 -3.22 10.55 1.61
C SER A 51 -4.08 10.91 2.83
N LEU A 52 -4.63 9.89 3.48
CA LEU A 52 -5.44 10.10 4.68
C LEU A 52 -4.62 10.75 5.80
N ALA A 53 -3.36 10.37 5.91
CA ALA A 53 -2.48 10.97 6.91
C ALA A 53 -2.24 12.45 6.65
N ILE A 54 -2.16 12.83 5.38
CA ILE A 54 -2.02 14.24 4.97
C ILE A 54 -3.27 15.04 5.30
N ALA A 55 -4.45 14.48 4.97
CA ALA A 55 -5.73 15.10 5.31
C ALA A 55 -5.86 15.36 6.82
N ILE A 56 -5.49 14.35 7.62
CA ILE A 56 -5.55 14.45 9.08
C ILE A 56 -4.58 15.53 9.60
N ALA A 57 -3.37 15.56 9.05
CA ALA A 57 -2.37 16.55 9.46
C ALA A 57 -2.82 17.97 9.13
N LEU A 58 -3.54 18.11 8.02
CA LEU A 58 -4.09 19.41 7.64
C LEU A 58 -5.20 19.82 8.59
N HIS A 59 -6.08 18.87 8.91
CA HIS A 59 -7.13 19.13 9.89
C HIS A 59 -6.53 19.59 11.20
N ASP A 60 -5.49 18.89 11.65
CA ASP A 60 -4.83 19.21 12.91
C ASP A 60 -4.09 20.56 12.89
N ALA A 61 -3.49 20.90 11.74
CA ALA A 61 -2.81 22.19 11.58
C ALA A 61 -3.78 23.38 11.63
N LEU A 62 -5.01 23.16 11.20
CA LEU A 62 -6.05 24.20 11.23
C LEU A 62 -6.87 24.16 12.51
N ASP A 63 -6.64 23.15 13.35
CA ASP A 63 -7.40 23.02 14.59
C ASP A 63 -6.81 23.95 15.66
N PRO A 64 -7.57 25.02 16.01
CA PRO A 64 -7.08 26.00 16.98
C PRO A 64 -6.84 25.38 18.36
N ARG A 65 -7.54 24.28 18.65
CA ARG A 65 -7.34 23.51 19.88
C ARG A 65 -5.95 22.87 19.92
N LEU A 66 -5.50 22.36 18.77
CA LEU A 66 -4.19 21.68 18.71
C LEU A 66 -3.04 22.63 18.38
N ASN A 67 -3.27 23.53 17.43
CA ASN A 67 -2.27 24.51 17.01
C ASN A 67 -2.77 25.93 17.27
N LYS A 68 -2.09 26.64 18.18
CA LYS A 68 -2.51 27.98 18.62
C LYS A 68 -2.68 29.00 17.49
N SER A 69 -1.71 29.03 16.58
CA SER A 69 -1.72 29.99 15.47
C SER A 69 -2.89 29.81 14.50
N ALA A 70 -3.59 28.68 14.61
CA ALA A 70 -4.68 28.34 13.69
C ALA A 70 -5.88 29.30 13.73
N SER A 71 -6.06 30.02 14.84
CA SER A 71 -7.10 31.05 14.95
C SER A 71 -6.97 32.08 13.82
N ASN A 72 -5.73 32.49 13.53
CA ASN A 72 -5.45 33.53 12.55
C ASN A 72 -5.65 33.12 11.09
N ILE A 73 -5.76 31.82 10.82
CA ILE A 73 -6.13 31.33 9.49
C ILE A 73 -7.54 31.83 9.14
N HIS A 74 -7.63 32.54 8.01
CA HIS A 74 -8.89 33.09 7.52
C HIS A 74 -9.50 32.21 6.47
N ALA A 75 -8.67 31.75 5.53
CA ALA A 75 -9.15 30.97 4.40
C ALA A 75 -8.77 29.49 4.49
N GLN A 76 -9.76 28.65 4.23
CA GLN A 76 -9.55 27.21 4.10
C GLN A 76 -8.84 26.96 2.77
N PRO A 77 -7.76 26.14 2.79
CA PRO A 77 -7.13 25.78 1.52
C PRO A 77 -8.08 24.97 0.64
N LYS A 78 -8.04 25.23 -0.66
CA LYS A 78 -8.88 24.51 -1.61
C LYS A 78 -8.20 23.19 -1.94
N ILE A 79 -8.79 22.10 -1.47
CA ILE A 79 -8.17 20.79 -1.52
C ILE A 79 -9.15 19.73 -2.06
N CYS A 80 -8.61 18.71 -2.73
CA CYS A 80 -9.42 17.59 -3.21
C CYS A 80 -8.61 16.29 -3.30
N PHE A 81 -9.27 15.18 -2.97
CA PHE A 81 -8.68 13.85 -3.06
C PHE A 81 -9.41 13.00 -4.09
N LEU A 82 -8.67 12.33 -4.97
CA LEU A 82 -9.27 11.46 -5.99
C LEU A 82 -8.93 9.99 -5.76
N GLU A 83 -9.96 9.16 -5.56
CA GLU A 83 -9.79 7.75 -5.24
C GLU A 83 -10.61 6.87 -6.19
N ARG A 84 -9.97 5.86 -6.77
CA ARG A 84 -10.64 5.00 -7.75
C ARG A 84 -11.66 4.05 -7.12
N GLN A 85 -11.39 3.61 -5.90
CA GLN A 85 -12.33 2.78 -5.14
C GLN A 85 -13.61 3.55 -4.83
N LYS A 86 -14.72 2.81 -4.79
CA LYS A 86 -16.05 3.35 -4.52
C LYS A 86 -16.19 3.93 -3.11
N GLN A 87 -15.39 3.42 -2.19
CA GLN A 87 -15.39 3.87 -0.80
C GLN A 87 -14.06 3.46 -0.19
N PHE A 88 -13.74 3.98 1.00
CA PHE A 88 -12.48 3.64 1.63
C PHE A 88 -12.39 2.15 1.96
N ALA A 89 -11.29 1.53 1.53
CA ALA A 89 -11.00 0.14 1.82
C ALA A 89 -9.49 -0.03 1.94
N TRP A 90 -9.06 -0.94 2.80
CA TRP A 90 -7.63 -1.16 3.01
C TRP A 90 -7.22 -2.57 2.68
N HIS A 91 -6.72 -2.76 1.46
CA HIS A 91 -6.30 -4.07 0.94
C HIS A 91 -7.36 -5.14 1.14
N SER A 92 -8.56 -4.87 0.61
CA SER A 92 -9.73 -5.69 0.93
C SER A 92 -9.61 -7.13 0.42
N GLY A 93 -8.88 -7.30 -0.68
CA GLY A 93 -8.61 -8.64 -1.24
C GLY A 93 -7.78 -9.52 -0.33
N MET A 94 -7.11 -8.91 0.64
CA MET A 94 -6.30 -9.67 1.60
C MET A 94 -6.80 -9.58 3.04
N LEU A 95 -8.08 -9.26 3.22
CA LEU A 95 -8.67 -9.28 4.56
C LEU A 95 -9.03 -10.71 4.96
N VAL A 96 -8.00 -11.55 5.04
CA VAL A 96 -8.12 -12.94 5.45
C VAL A 96 -8.66 -12.96 6.90
N PRO A 97 -9.63 -13.86 7.19
CA PRO A 97 -10.15 -13.96 8.56
C PRO A 97 -9.01 -14.19 9.56
N GLY A 98 -9.10 -13.51 10.70
CA GLY A 98 -8.07 -13.60 11.73
C GLY A 98 -6.77 -12.87 11.42
N SER A 99 -6.70 -12.23 10.27
CA SER A 99 -5.48 -11.55 9.82
C SER A 99 -5.14 -10.34 10.72
N LYS A 100 -3.87 -10.24 11.12
CA LYS A 100 -3.45 -9.21 12.07
C LYS A 100 -2.51 -8.14 11.51
N MET A 101 -2.76 -6.90 11.98
CA MET A 101 -1.70 -5.82 11.83
CA MET A 101 -1.69 -5.81 11.85
C MET A 101 -0.29 -6.29 12.21
N GLN A 102 0.72 -5.73 11.54
CA GLN A 102 2.11 -6.06 11.84
C GLN A 102 2.90 -4.92 12.48
N ILE A 103 2.23 -3.85 12.87
CA ILE A 103 2.87 -2.78 13.64
C ILE A 103 1.98 -2.33 14.79
N SER A 104 2.62 -1.76 15.80
CA SER A 104 1.94 -1.27 17.00
C SER A 104 0.87 -0.26 16.63
N PHE A 105 -0.27 -0.34 17.32
CA PHE A 105 -1.37 0.58 17.10
C PHE A 105 -0.93 2.04 17.36
N ILE A 106 0.12 2.23 18.15
CA ILE A 106 0.67 3.55 18.43
C ILE A 106 1.17 4.29 17.17
N LYS A 107 1.68 3.53 16.20
CA LYS A 107 2.01 4.10 14.90
C LYS A 107 0.77 4.17 14.02
N ASP A 108 -0.28 4.79 14.55
CA ASP A 108 -1.50 5.04 13.79
C ASP A 108 -1.33 6.30 12.92
N LEU A 109 -2.44 6.90 12.51
CA LEU A 109 -2.33 8.02 11.59
C LEU A 109 -2.06 9.37 12.23
N ALA A 110 -2.05 9.44 13.57
CA ALA A 110 -1.91 10.73 14.24
C ALA A 110 -0.99 10.77 15.46
N THR A 111 -0.89 9.67 16.20
CA THR A 111 -0.26 9.68 17.53
C THR A 111 1.20 10.12 17.55
N LEU A 112 2.01 9.59 16.63
CA LEU A 112 3.45 9.92 16.63
C LEU A 112 3.72 11.39 16.37
N ARG A 113 2.77 12.06 15.69
CA ARG A 113 2.88 13.52 15.55
C ARG A 113 2.22 14.27 16.73
N ASP A 114 1.03 13.82 17.17
CA ASP A 114 0.33 14.45 18.30
C ASP A 114 -0.66 13.49 18.97
N PRO A 115 -0.30 12.98 20.17
CA PRO A 115 -1.18 12.11 20.95
C PRO A 115 -2.54 12.74 21.32
N ARG A 116 -2.61 14.08 21.32
CA ARG A 116 -3.85 14.80 21.65
C ARG A 116 -4.86 14.84 20.49
N SER A 117 -4.41 14.44 19.29
CA SER A 117 -5.26 14.44 18.10
C SER A 117 -6.52 13.60 18.26
N SER A 118 -7.63 14.10 17.69
CA SER A 118 -8.90 13.38 17.72
C SER A 118 -8.89 12.19 16.75
N PHE A 119 -7.81 12.06 15.99
CA PHE A 119 -7.68 11.00 15.00
C PHE A 119 -6.79 9.83 15.43
N THR A 120 -6.41 9.78 16.70
CA THR A 120 -5.70 8.62 17.22
C THR A 120 -6.60 7.37 17.25
N PHE A 121 -5.95 6.21 17.18
CA PHE A 121 -6.62 4.92 17.29
C PHE A 121 -7.35 4.77 18.63
N LEU A 122 -6.73 5.26 19.70
CA LEU A 122 -7.35 5.20 21.02
C LEU A 122 -8.58 6.09 21.10
N ASN A 123 -8.54 7.27 20.47
CA ASN A 123 -9.73 8.10 20.46
C ASN A 123 -10.85 7.51 19.60
N TYR A 124 -10.48 6.82 18.53
CA TYR A 124 -11.44 6.09 17.72
C TYR A 124 -12.15 5.03 18.54
N LEU A 125 -11.38 4.25 19.30
CA LEU A 125 -11.94 3.21 20.16
C LEU A 125 -12.90 3.82 21.17
N HIS A 126 -12.52 4.97 21.73
CA HIS A 126 -13.36 5.70 22.67
C HIS A 126 -14.65 6.13 22.06
N GLN A 127 -14.59 6.65 20.83
CA GLN A 127 -15.77 7.05 20.05
C GLN A 127 -16.69 5.87 19.72
N LYS A 128 -16.16 4.65 19.72
CA LYS A 128 -16.97 3.46 19.43
C LYS A 128 -17.44 2.72 20.70
N GLY A 129 -17.10 3.25 21.88
CA GLY A 129 -17.39 2.57 23.14
C GLY A 129 -16.62 1.28 23.28
N ARG A 130 -15.43 1.21 22.69
CA ARG A 130 -14.66 -0.03 22.67
C ARG A 130 -13.29 0.09 23.34
N LEU A 131 -12.98 1.26 23.90
CA LEU A 131 -11.65 1.51 24.47
C LEU A 131 -11.26 0.58 25.62
N ILE A 132 -12.14 0.44 26.62
CA ILE A 132 -11.87 -0.47 27.75
C ILE A 132 -11.70 -1.90 27.25
N HIS A 133 -12.51 -2.29 26.27
CA HIS A 133 -12.48 -3.64 25.71
C HIS A 133 -11.22 -3.96 24.94
N PHE A 134 -10.70 -3.01 24.16
CA PHE A 134 -9.44 -3.24 23.46
C PHE A 134 -8.30 -3.38 24.46
N THR A 135 -8.34 -2.55 25.49
CA THR A 135 -7.33 -2.53 26.53
C THR A 135 -7.22 -3.89 27.21
N ASN A 136 -8.36 -4.52 27.47
CA ASN A 136 -8.38 -5.82 28.14
C ASN A 136 -7.78 -6.97 27.32
N LEU A 137 -7.55 -6.72 26.02
CA LEU A 137 -6.88 -7.71 25.17
C LEU A 137 -5.37 -7.78 25.42
N SER A 138 -4.78 -6.68 25.88
CA SER A 138 -3.32 -6.55 26.01
C SER A 138 -2.57 -6.88 24.72
N THR A 139 -3.00 -6.27 23.61
CA THR A 139 -2.33 -6.48 22.32
C THR A 139 -2.01 -5.16 21.65
N PHE A 140 -0.81 -5.08 21.07
CA PHE A 140 -0.45 -3.93 20.26
C PHE A 140 -0.88 -4.12 18.80
N LEU A 141 -1.33 -5.33 18.47
CA LEU A 141 -1.56 -5.69 17.08
C LEU A 141 -3.01 -6.04 16.82
N PRO A 142 -3.84 -5.01 16.52
CA PRO A 142 -5.26 -5.21 16.21
C PRO A 142 -5.45 -6.00 14.91
N ALA A 143 -6.62 -6.59 14.74
CA ALA A 143 -6.98 -7.25 13.48
C ALA A 143 -6.93 -6.23 12.34
N ARG A 144 -6.58 -6.69 11.15
CA ARG A 144 -6.57 -5.81 9.99
C ARG A 144 -7.95 -5.22 9.73
N LEU A 145 -8.98 -6.00 10.02
CA LEU A 145 -10.37 -5.57 9.92
C LEU A 145 -10.69 -4.39 10.82
N GLU A 146 -10.24 -4.45 12.07
CA GLU A 146 -10.43 -3.36 13.02
C GLU A 146 -9.68 -2.09 12.59
N PHE A 147 -8.42 -2.24 12.20
CA PHE A 147 -7.61 -1.09 11.80
C PHE A 147 -8.15 -0.45 10.52
N GLU A 148 -8.75 -1.26 9.64
CA GLU A 148 -9.41 -0.73 8.46
C GLU A 148 -10.60 0.13 8.86
N ASP A 149 -11.39 -0.35 9.82
CA ASP A 149 -12.53 0.44 10.29
C ASP A 149 -12.09 1.74 10.92
N TYR A 150 -11.01 1.72 11.70
CA TYR A 150 -10.43 2.93 12.26
C TYR A 150 -10.12 3.95 11.15
N MET A 151 -9.38 3.50 10.14
CA MET A 151 -9.03 4.37 9.02
C MET A 151 -10.26 4.80 8.21
N ARG A 152 -11.24 3.90 8.08
CA ARG A 152 -12.52 4.22 7.43
C ARG A 152 -13.24 5.33 8.20
N TRP A 153 -13.29 5.19 9.51
CA TRP A 153 -13.86 6.20 10.41
C TRP A 153 -13.13 7.52 10.26
N CYS A 154 -11.80 7.49 10.17
CA CYS A 154 -11.02 8.69 9.86
C CYS A 154 -11.42 9.28 8.52
N ALA A 155 -11.47 8.43 7.48
CA ALA A 155 -11.71 8.85 6.10
C ALA A 155 -13.07 9.50 5.92
N GLN A 156 -14.08 8.98 6.62
CA GLN A 156 -15.44 9.47 6.52
C GLN A 156 -15.57 10.96 6.86
N GLN A 157 -14.70 11.43 7.75
CA GLN A 157 -14.73 12.80 8.22
C GLN A 157 -14.24 13.81 7.17
N PHE A 158 -13.69 13.28 6.07
CA PHE A 158 -13.24 14.10 4.95
C PHE A 158 -14.05 13.85 3.67
N SER A 159 -15.28 13.35 3.81
CA SER A 159 -16.10 13.00 2.65
C SER A 159 -16.45 14.18 1.73
N ASP A 160 -16.51 15.39 2.28
CA ASP A 160 -16.74 16.61 1.52
C ASP A 160 -15.65 16.87 0.46
N VAL A 161 -14.42 16.46 0.76
CA VAL A 161 -13.27 16.79 -0.09
C VAL A 161 -12.67 15.58 -0.83
N VAL A 162 -13.34 14.44 -0.73
CA VAL A 162 -12.89 13.25 -1.44
C VAL A 162 -13.89 12.87 -2.52
N ALA A 163 -13.39 12.60 -3.72
CA ALA A 163 -14.21 12.09 -4.81
C ALA A 163 -13.88 10.63 -5.08
N TYR A 164 -14.78 9.73 -4.68
CA TYR A 164 -14.64 8.30 -4.93
C TYR A 164 -15.07 7.94 -6.35
N GLY A 165 -14.69 6.76 -6.80
CA GLY A 165 -14.99 6.31 -8.16
C GLY A 165 -14.31 7.14 -9.23
N GLU A 166 -13.18 7.76 -8.87
CA GLU A 166 -12.40 8.54 -9.82
C GLU A 166 -11.00 7.97 -9.98
N GLU A 167 -10.72 7.42 -11.15
CA GLU A 167 -9.40 6.91 -11.43
C GLU A 167 -8.64 7.96 -12.22
N VAL A 168 -7.58 8.50 -11.62
CA VAL A 168 -6.76 9.49 -12.31
C VAL A 168 -6.00 8.81 -13.45
N VAL A 169 -6.09 9.39 -14.64
CA VAL A 169 -5.47 8.81 -15.83
C VAL A 169 -4.25 9.58 -16.35
N GLU A 170 -4.18 10.89 -16.04
CA GLU A 170 -2.99 11.68 -16.43
C GLU A 170 -2.88 13.04 -15.71
N VAL A 171 -1.64 13.52 -15.63
CA VAL A 171 -1.33 14.84 -15.07
C VAL A 171 -0.68 15.70 -16.16
N ILE A 172 -1.27 16.86 -16.41
CA ILE A 172 -0.87 17.72 -17.53
C ILE A 172 -0.45 19.11 -17.05
N PRO A 173 0.72 19.59 -17.52
CA PRO A 173 1.17 20.93 -17.14
C PRO A 173 0.33 22.02 -17.78
N GLY A 174 0.16 23.11 -17.06
CA GLY A 174 -0.58 24.26 -17.55
C GLY A 174 0.17 25.55 -17.29
N LYS A 175 -0.06 26.53 -18.16
CA LYS A 175 0.57 27.85 -18.01
C LYS A 175 -0.54 28.90 -17.94
N SER A 176 -0.62 29.60 -16.81
CA SER A 176 -1.63 30.65 -16.64
C SER A 176 -1.44 31.71 -17.71
N ASP A 177 -0.19 31.88 -18.14
CA ASP A 177 0.13 32.64 -19.36
C ASP A 177 0.68 31.69 -20.44
N PRO A 178 -0.19 31.29 -21.39
CA PRO A 178 0.18 30.29 -22.39
C PRO A 178 1.29 30.76 -23.34
N SER A 179 1.39 32.08 -23.54
CA SER A 179 2.43 32.65 -24.40
C SER A 179 3.83 32.59 -23.74
N SER A 180 3.86 32.38 -22.42
CA SER A 180 5.13 32.29 -21.69
C SER A 180 5.69 30.87 -21.75
N SER A 181 6.86 30.69 -21.15
CA SER A 181 7.52 29.37 -21.10
C SER A 181 7.55 28.80 -19.67
N VAL A 182 6.69 29.33 -18.80
CA VAL A 182 6.67 28.91 -17.38
C VAL A 182 5.36 28.22 -17.01
N VAL A 183 5.48 27.01 -16.47
CA VAL A 183 4.33 26.26 -15.96
C VAL A 183 4.04 26.65 -14.52
N ASP A 184 2.79 26.99 -14.23
CA ASP A 184 2.40 27.41 -12.87
C ASP A 184 1.16 26.70 -12.29
N PHE A 185 0.64 25.70 -13.02
CA PHE A 185 -0.42 24.84 -12.50
C PHE A 185 -0.43 23.49 -13.19
N PHE A 186 -1.23 22.57 -12.67
CA PHE A 186 -1.37 21.25 -13.27
C PHE A 186 -2.83 20.90 -13.49
N THR A 187 -3.10 20.20 -14.58
CA THR A 187 -4.44 19.67 -14.83
C THR A 187 -4.40 18.17 -14.55
N VAL A 188 -5.34 17.73 -13.73
CA VAL A 188 -5.47 16.34 -13.38
C VAL A 188 -6.77 15.82 -13.98
N ARG A 189 -6.66 14.77 -14.79
CA ARG A 189 -7.83 14.18 -15.42
C ARG A 189 -8.09 12.79 -14.87
N SER A 190 -9.35 12.54 -14.53
CA SER A 190 -9.76 11.26 -13.98
C SER A 190 -11.02 10.72 -14.67
N ARG A 191 -11.05 9.40 -14.80
CA ARG A 191 -12.15 8.72 -15.46
C ARG A 191 -13.08 8.17 -14.38
N ASN A 192 -14.37 8.45 -14.52
CA ASN A 192 -15.40 7.89 -13.65
C ASN A 192 -15.47 6.40 -13.86
N VAL A 193 -15.32 5.63 -12.76
CA VAL A 193 -15.23 4.17 -12.86
C VAL A 193 -16.57 3.54 -13.26
N GLU A 194 -17.68 4.16 -12.86
CA GLU A 194 -19.00 3.61 -13.19
C GLU A 194 -19.43 3.93 -14.60
N THR A 195 -19.21 5.19 -15.00
CA THR A 195 -19.79 5.72 -16.22
C THR A 195 -18.73 6.05 -17.28
N GLY A 196 -17.47 6.14 -16.86
CA GLY A 196 -16.36 6.31 -17.79
C GLY A 196 -16.13 7.71 -18.35
N GLU A 197 -16.87 8.70 -17.84
CA GLU A 197 -16.67 10.09 -18.27
C GLU A 197 -15.40 10.68 -17.65
N ILE A 198 -14.73 11.52 -18.44
CA ILE A 198 -13.49 12.15 -18.03
C ILE A 198 -13.73 13.55 -17.47
N SER A 199 -13.21 13.80 -16.27
CA SER A 199 -13.29 15.12 -15.65
C SER A 199 -11.90 15.69 -15.44
N ALA A 200 -11.78 17.01 -15.52
CA ALA A 200 -10.52 17.69 -15.26
C ALA A 200 -10.61 18.59 -14.03
N ARG A 201 -9.52 18.61 -13.25
CA ARG A 201 -9.42 19.50 -12.10
CA ARG A 201 -9.41 19.49 -12.07
C ARG A 201 -8.04 20.20 -12.11
N ARG A 202 -8.03 21.59 -12.02
CA ARG A 202 -6.75 22.31 -12.05
CA ARG A 202 -6.77 22.35 -12.04
C ARG A 202 -6.21 22.59 -10.64
N THR A 203 -4.90 22.40 -10.47
CA THR A 203 -4.25 22.63 -9.17
C THR A 203 -2.83 23.18 -9.28
N ARG A 204 -2.45 23.98 -8.30
CA ARG A 204 -1.08 24.42 -8.18
C ARG A 204 -0.16 23.25 -7.86
N LYS A 205 -0.60 22.38 -6.95
CA LYS A 205 0.24 21.27 -6.46
C LYS A 205 -0.45 19.92 -6.46
N VAL A 206 0.30 18.89 -6.84
CA VAL A 206 -0.18 17.52 -6.92
C VAL A 206 0.59 16.65 -5.95
N VAL A 207 -0.12 15.78 -5.24
CA VAL A 207 0.48 14.67 -4.52
C VAL A 207 0.03 13.36 -5.20
N ILE A 208 0.97 12.46 -5.46
CA ILE A 208 0.67 11.16 -6.02
C ILE A 208 0.91 10.13 -4.92
N ALA A 209 -0.16 9.52 -4.44
CA ALA A 209 -0.08 8.54 -3.35
C ALA A 209 -0.97 7.35 -3.68
N ILE A 210 -0.49 6.52 -4.61
CA ILE A 210 -1.30 5.49 -5.24
C ILE A 210 -0.87 4.07 -4.91
N GLY A 211 0.02 3.93 -3.91
CA GLY A 211 0.49 2.61 -3.47
C GLY A 211 1.19 1.82 -4.56
N GLY A 212 0.89 0.52 -4.60
CA GLY A 212 1.57 -0.38 -5.53
C GLY A 212 0.66 -1.22 -6.39
N THR A 213 1.25 -1.85 -7.40
CA THR A 213 0.53 -2.73 -8.32
C THR A 213 0.90 -4.19 -8.08
N ALA A 214 0.00 -5.08 -8.46
CA ALA A 214 0.26 -6.51 -8.40
C ALA A 214 1.44 -6.88 -9.30
N LYS A 215 2.39 -7.61 -8.72
CA LYS A 215 3.57 -8.05 -9.42
C LYS A 215 3.41 -9.53 -9.76
N MET A 216 3.43 -9.82 -11.05
CA MET A 216 3.28 -11.19 -11.55
C MET A 216 4.55 -11.65 -12.23
N PRO A 217 4.94 -12.93 -12.03
CA PRO A 217 6.06 -13.49 -12.78
C PRO A 217 5.77 -13.43 -14.27
N SER A 218 6.77 -13.02 -15.06
CA SER A 218 6.61 -12.84 -16.50
C SER A 218 6.29 -14.15 -17.21
N GLY A 219 6.77 -15.26 -16.66
CA GLY A 219 6.60 -16.59 -17.26
C GLY A 219 5.18 -17.16 -17.23
N LEU A 220 4.36 -16.69 -16.30
CA LEU A 220 3.00 -17.23 -16.14
C LEU A 220 2.04 -16.68 -17.18
N PRO A 221 1.22 -17.56 -17.78
CA PRO A 221 0.19 -17.16 -18.73
C PRO A 221 -1.01 -16.50 -18.06
N GLN A 222 -1.74 -15.66 -18.80
CA GLN A 222 -2.99 -15.07 -18.32
C GLN A 222 -4.08 -16.13 -18.29
N ASP A 223 -4.78 -16.24 -17.15
CA ASP A 223 -5.83 -17.24 -16.95
C ASP A 223 -6.69 -16.83 -15.74
N PRO A 224 -8.03 -16.99 -15.85
CA PRO A 224 -8.91 -16.69 -14.71
C PRO A 224 -8.59 -17.51 -13.46
N ARG A 225 -8.00 -18.69 -13.65
CA ARG A 225 -7.64 -19.57 -12.54
C ARG A 225 -6.29 -19.17 -11.89
N ILE A 226 -5.63 -18.16 -12.46
CA ILE A 226 -4.37 -17.66 -11.93
C ILE A 226 -4.57 -16.26 -11.37
N ILE A 227 -4.55 -16.15 -10.04
CA ILE A 227 -4.98 -14.94 -9.36
C ILE A 227 -3.91 -14.44 -8.39
N HIS A 228 -3.62 -13.14 -8.46
CA HIS A 228 -2.69 -12.52 -7.53
C HIS A 228 -3.28 -12.46 -6.15
N SER A 229 -2.40 -12.55 -5.14
CA SER A 229 -2.82 -12.56 -3.73
C SER A 229 -3.74 -11.39 -3.38
N SER A 230 -3.45 -10.23 -3.97
CA SER A 230 -4.19 -9.00 -3.70
C SER A 230 -5.68 -9.14 -4.04
N LYS A 231 -6.04 -10.12 -4.86
CA LYS A 231 -7.44 -10.36 -5.20
C LYS A 231 -8.01 -11.64 -4.60
N TYR A 232 -7.35 -12.18 -3.57
CA TYR A 232 -7.69 -13.47 -2.99
C TYR A 232 -9.11 -13.55 -2.41
N CYS A 233 -9.44 -12.65 -1.48
CA CYS A 233 -10.76 -12.65 -0.85
C CYS A 233 -11.85 -12.23 -1.83
N THR A 234 -11.48 -11.31 -2.74
CA THR A 234 -12.44 -10.74 -3.67
C THR A 234 -12.82 -11.64 -4.85
N THR A 235 -11.86 -12.36 -5.42
CA THR A 235 -12.09 -13.05 -6.70
C THR A 235 -12.05 -14.58 -6.69
N LEU A 236 -11.33 -15.18 -5.74
CA LEU A 236 -11.28 -16.65 -5.63
C LEU A 236 -12.63 -17.33 -5.32
N PRO A 237 -13.47 -16.72 -4.45
CA PRO A 237 -14.77 -17.37 -4.16
C PRO A 237 -15.69 -17.39 -5.38
N ALA A 238 -15.54 -16.41 -6.27
CA ALA A 238 -16.28 -16.40 -7.53
C ALA A 238 -15.84 -17.55 -8.46
N LEU A 239 -14.55 -17.93 -8.38
CA LEU A 239 -14.04 -19.01 -9.23
C LEU A 239 -14.34 -20.40 -8.65
N LEU A 240 -14.18 -20.55 -7.32
CA LEU A 240 -14.40 -21.84 -6.67
C LEU A 240 -15.55 -21.70 -5.70
N LYS A 241 -16.76 -21.80 -6.24
CA LYS A 241 -17.98 -21.45 -5.52
C LYS A 241 -18.37 -22.42 -4.40
N ASP A 242 -18.05 -23.71 -4.57
CA ASP A 242 -18.46 -24.73 -3.61
C ASP A 242 -17.35 -24.97 -2.59
N LYS A 243 -17.62 -24.58 -1.33
CA LYS A 243 -16.60 -24.58 -0.26
C LYS A 243 -16.21 -25.98 0.22
N SER A 244 -17.11 -26.93 0.01
CA SER A 244 -16.92 -28.32 0.43
C SER A 244 -16.27 -29.21 -0.65
N LYS A 245 -16.08 -28.67 -1.85
CA LYS A 245 -15.53 -29.45 -2.96
C LYS A 245 -14.04 -29.74 -2.79
N PRO A 246 -13.60 -30.95 -3.21
CA PRO A 246 -12.19 -31.33 -3.10
C PRO A 246 -11.32 -30.74 -4.21
N TYR A 247 -11.12 -29.42 -4.19
CA TYR A 247 -10.26 -28.76 -5.17
C TYR A 247 -8.79 -29.02 -4.88
N ASN A 248 -7.97 -28.87 -5.91
CA ASN A 248 -6.52 -28.76 -5.74
C ASN A 248 -6.15 -27.30 -5.91
N ILE A 249 -5.55 -26.70 -4.89
CA ILE A 249 -5.19 -25.29 -4.95
C ILE A 249 -3.73 -25.07 -4.63
N ALA A 250 -3.02 -24.39 -5.53
CA ALA A 250 -1.61 -24.08 -5.34
C ALA A 250 -1.39 -22.61 -4.96
N VAL A 251 -0.34 -22.36 -4.18
CA VAL A 251 0.07 -21.01 -3.79
C VAL A 251 1.54 -20.84 -4.15
N LEU A 252 1.85 -19.78 -4.90
CA LEU A 252 3.23 -19.50 -5.29
C LEU A 252 3.80 -18.35 -4.46
N GLY A 253 4.95 -18.60 -3.83
CA GLY A 253 5.67 -17.58 -3.04
C GLY A 253 5.90 -18.06 -1.62
N SER A 254 6.63 -17.25 -0.85
CA SER A 254 6.93 -17.62 0.54
C SER A 254 7.01 -16.39 1.45
N GLY A 255 6.38 -15.30 1.05
CA GLY A 255 6.29 -14.11 1.91
C GLY A 255 5.06 -14.20 2.80
N GLN A 256 4.76 -13.09 3.48
CA GLN A 256 3.60 -13.04 4.38
C GLN A 256 2.29 -13.40 3.68
N SER A 257 2.08 -12.84 2.48
CA SER A 257 0.85 -13.06 1.72
C SER A 257 0.63 -14.54 1.40
N ALA A 258 1.69 -15.23 0.99
CA ALA A 258 1.63 -16.65 0.70
C ALA A 258 1.27 -17.48 1.93
N ALA A 259 1.92 -17.16 3.05
CA ALA A 259 1.72 -17.88 4.28
C ALA A 259 0.27 -17.73 4.73
N GLU A 260 -0.23 -16.50 4.68
CA GLU A 260 -1.61 -16.24 5.10
C GLU A 260 -2.63 -16.96 4.23
N ILE A 261 -2.43 -16.90 2.91
CA ILE A 261 -3.34 -17.57 1.98
C ILE A 261 -3.30 -19.09 2.14
N PHE A 262 -2.09 -19.62 2.28
CA PHE A 262 -1.90 -21.06 2.42
C PHE A 262 -2.59 -21.57 3.68
N HIS A 263 -2.43 -20.82 4.77
CA HIS A 263 -3.04 -21.14 6.04
C HIS A 263 -4.53 -21.03 5.97
N ASP A 264 -5.03 -19.93 5.39
CA ASP A 264 -6.47 -19.67 5.32
C ASP A 264 -7.20 -20.71 4.48
N LEU A 265 -6.60 -21.12 3.35
CA LEU A 265 -7.24 -22.07 2.43
C LEU A 265 -7.68 -23.34 3.13
N GLN A 266 -6.89 -23.78 4.10
CA GLN A 266 -7.20 -24.96 4.89
C GLN A 266 -8.49 -24.80 5.70
N LYS A 267 -8.79 -23.57 6.13
CA LYS A 267 -10.06 -23.30 6.81
C LYS A 267 -11.20 -23.07 5.80
N ARG A 268 -10.91 -22.28 4.76
CA ARG A 268 -11.94 -21.92 3.79
C ARG A 268 -12.38 -23.08 2.88
N TYR A 269 -11.45 -23.96 2.53
CA TYR A 269 -11.77 -25.15 1.74
C TYR A 269 -11.30 -26.43 2.46
N PRO A 270 -12.10 -26.90 3.43
CA PRO A 270 -11.67 -27.98 4.34
C PRO A 270 -11.30 -29.29 3.65
N ASN A 271 -11.88 -29.55 2.50
CA ASN A 271 -11.64 -30.82 1.79
C ASN A 271 -10.63 -30.70 0.65
N SER A 272 -10.05 -29.51 0.52
CA SER A 272 -9.14 -29.21 -0.59
C SER A 272 -7.74 -29.73 -0.33
N ARG A 273 -7.01 -30.02 -1.42
CA ARG A 273 -5.59 -30.31 -1.33
C ARG A 273 -4.84 -29.04 -1.73
N THR A 274 -3.98 -28.54 -0.85
CA THR A 274 -3.23 -27.31 -1.12
C THR A 274 -1.73 -27.56 -1.20
N THR A 275 -1.08 -26.84 -2.10
CA THR A 275 0.36 -26.92 -2.23
C THR A 275 0.98 -25.54 -2.19
N LEU A 276 2.01 -25.38 -1.36
CA LEU A 276 2.79 -24.15 -1.36
C LEU A 276 4.06 -24.39 -2.17
N ILE A 277 4.23 -23.59 -3.22
CA ILE A 277 5.41 -23.69 -4.07
C ILE A 277 6.31 -22.49 -3.79
N MET A 278 7.57 -22.76 -3.43
CA MET A 278 8.54 -21.68 -3.18
C MET A 278 9.91 -22.02 -3.76
N ARG A 279 10.59 -21.00 -4.29
CA ARG A 279 11.96 -21.18 -4.80
C ARG A 279 13.01 -21.21 -3.69
N ASP A 280 12.72 -20.57 -2.55
CA ASP A 280 13.59 -20.65 -1.40
C ASP A 280 13.41 -22.03 -0.74
N SER A 281 14.35 -22.40 0.13
CA SER A 281 14.30 -23.68 0.84
C SER A 281 13.31 -23.70 2.02
N ALA A 282 12.90 -22.51 2.49
CA ALA A 282 12.01 -22.41 3.65
C ALA A 282 11.33 -21.05 3.80
N MET A 283 10.21 -21.03 4.50
CA MET A 283 9.65 -19.79 5.01
C MET A 283 10.60 -19.23 6.06
N ARG A 284 10.87 -17.92 5.98
CA ARG A 284 11.82 -17.29 6.87
C ARG A 284 11.18 -16.24 7.79
N PRO A 285 11.65 -16.16 9.05
CA PRO A 285 10.93 -15.24 9.94
C PRO A 285 11.25 -13.77 9.70
N SER A 286 10.21 -12.94 9.73
CA SER A 286 10.45 -11.48 9.74
CA SER A 286 10.42 -11.49 9.76
C SER A 286 11.30 -11.06 10.93
N ASP A 287 12.16 -10.09 10.72
CA ASP A 287 12.98 -9.54 11.79
C ASP A 287 12.16 -8.47 12.52
N ASP A 288 11.78 -8.76 13.76
CA ASP A 288 11.06 -7.78 14.58
C ASP A 288 11.85 -7.32 15.81
N SER A 289 13.14 -7.65 15.84
CA SER A 289 14.02 -7.27 16.94
C SER A 289 14.15 -5.73 17.07
N PRO A 290 14.23 -5.23 18.31
CA PRO A 290 14.09 -3.79 18.54
C PRO A 290 15.22 -2.90 18.00
N PHE A 291 16.49 -3.33 18.06
CA PHE A 291 17.57 -2.49 17.53
C PHE A 291 17.47 -2.31 16.01
N VAL A 292 17.27 -3.40 15.28
CA VAL A 292 17.13 -3.36 13.83
C VAL A 292 15.92 -2.53 13.43
N ASN A 293 14.81 -2.68 14.16
CA ASN A 293 13.57 -2.01 13.79
C ASN A 293 13.50 -0.50 14.05
N GLU A 294 14.55 0.04 14.65
CA GLU A 294 14.71 1.49 14.79
C GLU A 294 14.89 2.21 13.44
N ILE A 295 15.23 1.46 12.38
CA ILE A 295 15.28 2.03 11.02
C ILE A 295 13.94 2.62 10.61
N PHE A 296 12.86 2.11 11.21
CA PHE A 296 11.50 2.58 10.95
C PHE A 296 11.09 3.85 11.69
N ASN A 297 11.96 4.34 12.57
CA ASN A 297 11.70 5.58 13.29
C ASN A 297 11.62 6.79 12.37
N PRO A 298 10.67 7.71 12.61
CA PRO A 298 10.51 8.93 11.80
C PRO A 298 11.78 9.77 11.66
N GLU A 299 12.54 9.89 12.75
CA GLU A 299 13.78 10.68 12.75
C GLU A 299 14.87 10.08 11.87
N ARG A 300 14.74 8.79 11.57
CA ARG A 300 15.75 8.08 10.79
C ARG A 300 15.69 8.37 9.29
N VAL A 301 14.61 9.02 8.84
CA VAL A 301 14.45 9.37 7.43
C VAL A 301 15.52 10.38 7.00
N ASP A 302 15.75 11.40 7.83
CA ASP A 302 16.82 12.36 7.57
C ASP A 302 18.15 11.63 7.35
N LYS A 303 18.47 10.70 8.26
CA LYS A 303 19.74 9.98 8.23
C LYS A 303 19.85 9.10 7.00
N PHE A 304 18.78 8.37 6.68
CA PHE A 304 18.75 7.54 5.49
C PHE A 304 18.88 8.37 4.20
N TYR A 305 18.09 9.45 4.11
CA TYR A 305 18.05 10.27 2.90
C TYR A 305 19.43 10.84 2.54
N SER A 306 20.15 11.27 3.57
CA SER A 306 21.44 11.95 3.40
C SER A 306 22.57 11.05 2.91
N GLN A 307 22.39 9.74 3.01
CA GLN A 307 23.39 8.78 2.54
C GLN A 307 23.51 8.73 1.01
N SER A 308 24.62 8.21 0.52
CA SER A 308 24.84 8.04 -0.92
C SER A 308 23.99 6.90 -1.48
N ALA A 309 23.90 6.85 -2.82
CA ALA A 309 23.08 5.84 -3.51
C ALA A 309 23.57 4.42 -3.21
N ALA A 310 24.89 4.25 -3.17
CA ALA A 310 25.52 2.97 -2.85
C ALA A 310 25.27 2.54 -1.40
N GLU A 311 25.37 3.48 -0.46
CA GLU A 311 25.13 3.20 0.97
C GLU A 311 23.65 2.91 1.26
N ARG A 312 22.76 3.60 0.56
CA ARG A 312 21.31 3.41 0.72
C ARG A 312 20.89 2.04 0.21
N GLN A 313 21.36 1.68 -0.99
CA GLN A 313 21.11 0.37 -1.57
C GLN A 313 21.65 -0.75 -0.68
N ARG A 314 22.82 -0.51 -0.09
CA ARG A 314 23.46 -1.44 0.84
C ARG A 314 22.63 -1.63 2.11
N SER A 315 22.14 -0.52 2.66
CA SER A 315 21.33 -0.52 3.87
C SER A 315 19.99 -1.24 3.68
N LEU A 316 19.33 -0.99 2.55
CA LEU A 316 18.05 -1.61 2.24
C LEU A 316 18.17 -3.13 2.13
N LEU A 317 19.26 -3.58 1.49
CA LEU A 317 19.53 -5.01 1.36
C LEU A 317 19.80 -5.64 2.72
N ALA A 318 20.60 -4.98 3.54
CA ALA A 318 20.97 -5.46 4.86
C ALA A 318 19.77 -5.60 5.79
N ASP A 319 18.75 -4.76 5.59
CA ASP A 319 17.59 -4.77 6.48
C ASP A 319 16.32 -5.33 5.82
N LYS A 320 16.50 -6.05 4.70
CA LYS A 320 15.38 -6.61 3.92
C LYS A 320 14.44 -7.53 4.72
N ALA A 321 15.03 -8.33 5.62
CA ALA A 321 14.28 -9.33 6.41
C ALA A 321 13.28 -8.73 7.40
N THR A 322 13.29 -7.41 7.56
CA THR A 322 12.28 -6.70 8.35
C THR A 322 10.91 -6.69 7.66
N ASN A 323 10.92 -6.79 6.32
CA ASN A 323 9.73 -6.45 5.54
C ASN A 323 9.42 -7.37 4.34
N TYR A 324 10.46 -7.82 3.63
CA TYR A 324 10.25 -8.53 2.37
C TYR A 324 10.58 -10.01 2.41
N SER A 325 9.72 -10.81 1.77
CA SER A 325 9.90 -12.25 1.64
C SER A 325 10.02 -12.94 3.00
N VAL A 326 9.32 -12.40 3.99
CA VAL A 326 9.42 -12.91 5.35
C VAL A 326 8.04 -13.15 5.96
N VAL A 327 7.97 -14.08 6.89
CA VAL A 327 6.72 -14.40 7.57
C VAL A 327 6.90 -14.18 9.07
N ARG A 328 5.88 -13.59 9.69
CA ARG A 328 5.84 -13.44 11.13
C ARG A 328 6.04 -14.81 11.76
N LEU A 329 6.95 -14.87 12.73
CA LEU A 329 7.31 -16.14 13.36
C LEU A 329 6.10 -16.97 13.81
N GLU A 330 5.15 -16.31 14.47
CA GLU A 330 3.99 -16.99 15.04
CA GLU A 330 3.96 -16.97 15.03
C GLU A 330 3.19 -17.75 13.96
N LEU A 331 3.05 -17.16 12.78
CA LEU A 331 2.35 -17.84 11.67
C LEU A 331 3.14 -19.03 11.13
N ILE A 332 4.46 -18.89 11.02
CA ILE A 332 5.32 -19.98 10.58
C ILE A 332 5.16 -21.17 11.51
N GLU A 333 5.19 -20.91 12.82
CA GLU A 333 5.05 -21.95 13.83
C GLU A 333 3.71 -22.66 13.78
N GLU A 334 2.65 -21.90 13.50
CA GLU A 334 1.30 -22.46 13.35
C GLU A 334 1.25 -23.44 12.18
N ILE A 335 1.78 -23.00 11.04
CA ILE A 335 1.76 -23.78 9.83
C ILE A 335 2.59 -25.04 10.04
N TYR A 336 3.74 -24.85 10.67
CA TYR A 336 4.65 -25.95 10.96
C TYR A 336 4.01 -27.00 11.86
N ASN A 337 3.29 -26.54 12.88
CA ASN A 337 2.56 -27.43 13.77
C ASN A 337 1.47 -28.22 13.06
N ASP A 338 0.81 -27.57 12.09
CA ASP A 338 -0.19 -28.26 11.26
C ASP A 338 0.44 -29.36 10.41
N MET A 339 1.64 -29.09 9.90
CA MET A 339 2.42 -30.07 9.16
C MET A 339 2.77 -31.28 10.01
N TYR A 340 3.18 -31.05 11.25
CA TYR A 340 3.55 -32.13 12.15
C TYR A 340 2.33 -32.96 12.55
N LEU A 341 1.18 -32.31 12.69
CA LEU A 341 -0.07 -33.02 12.96
C LEU A 341 -0.39 -33.99 11.80
N GLN A 342 -0.13 -33.57 10.56
CA GLN A 342 -0.31 -34.44 9.40
C GLN A 342 0.65 -35.62 9.45
N ARG A 343 1.87 -35.37 9.95
CA ARG A 343 2.86 -36.43 10.12
C ARG A 343 2.42 -37.49 11.13
N VAL A 344 1.78 -37.05 12.21
CA VAL A 344 1.24 -37.94 13.24
C VAL A 344 0.20 -38.90 12.63
N LYS A 345 -0.69 -38.35 11.81
CA LYS A 345 -1.74 -39.14 11.17
C LYS A 345 -1.20 -40.04 10.07
N ASN A 346 -0.26 -39.51 9.28
CA ASN A 346 0.35 -40.27 8.19
C ASN A 346 1.84 -39.92 8.04
N PRO A 347 2.72 -40.91 8.28
CA PRO A 347 4.19 -40.76 8.14
C PRO A 347 4.69 -40.55 6.69
N ASP A 348 3.85 -40.84 5.71
CA ASP A 348 4.21 -40.66 4.29
C ASP A 348 3.80 -39.28 3.74
N GLU A 349 4.79 -38.40 3.59
CA GLU A 349 4.57 -36.99 3.19
CA GLU A 349 4.57 -36.99 3.19
C GLU A 349 3.82 -36.82 1.87
N THR A 350 4.07 -37.72 0.91
CA THR A 350 3.44 -37.62 -0.42
C THR A 350 1.92 -37.75 -0.37
N GLN A 351 1.40 -38.27 0.73
CA GLN A 351 -0.03 -38.49 0.90
C GLN A 351 -0.73 -37.39 1.68
N TRP A 352 0.02 -36.35 2.08
CA TRP A 352 -0.58 -35.28 2.90
C TRP A 352 -1.53 -34.42 2.13
N GLN A 353 -2.60 -34.02 2.79
CA GLN A 353 -3.61 -33.13 2.22
C GLN A 353 -3.02 -31.75 1.90
N HIS A 354 -2.13 -31.26 2.76
CA HIS A 354 -1.51 -29.95 2.57
C HIS A 354 -0.02 -30.07 2.60
N ARG A 355 0.62 -29.60 1.53
CA ARG A 355 2.04 -29.81 1.33
C ARG A 355 2.80 -28.54 0.98
N ILE A 356 4.09 -28.54 1.34
CA ILE A 356 5.01 -27.48 0.95
C ILE A 356 6.08 -28.07 0.06
N LEU A 357 6.28 -27.47 -1.11
CA LEU A 357 7.32 -27.91 -2.03
C LEU A 357 8.39 -26.83 -2.13
N PRO A 358 9.49 -26.99 -1.38
CA PRO A 358 10.57 -25.99 -1.34
C PRO A 358 11.50 -26.11 -2.53
N GLU A 359 12.24 -25.05 -2.82
CA GLU A 359 13.24 -25.02 -3.88
C GLU A 359 12.71 -25.51 -5.23
N ARG A 360 11.56 -24.97 -5.62
CA ARG A 360 10.94 -25.29 -6.89
C ARG A 360 10.66 -24.02 -7.68
N LYS A 361 10.66 -24.13 -9.00
CA LYS A 361 10.13 -23.09 -9.86
C LYS A 361 9.19 -23.67 -10.92
N ILE A 362 8.23 -22.85 -11.35
CA ILE A 362 7.26 -23.26 -12.37
C ILE A 362 7.83 -23.04 -13.76
N THR A 363 8.02 -24.16 -14.50
CA THR A 363 8.57 -24.04 -15.87
C THR A 363 7.50 -23.98 -16.96
N ARG A 364 6.36 -24.61 -16.69
CA ARG A 364 5.29 -24.67 -17.71
C ARG A 364 3.91 -24.73 -17.06
N VAL A 365 2.97 -23.98 -17.63
CA VAL A 365 1.57 -24.07 -17.20
C VAL A 365 0.68 -24.49 -18.37
N GLU A 366 0.07 -25.67 -18.24
CA GLU A 366 -0.87 -26.17 -19.22
C GLU A 366 -2.27 -25.74 -18.81
N HIS A 367 -2.90 -24.91 -19.66
CA HIS A 367 -4.21 -24.34 -19.30
C HIS A 367 -5.17 -24.28 -20.46
N HIS A 368 -4.98 -25.16 -21.45
CA HIS A 368 -5.89 -25.28 -22.58
C HIS A 368 -6.59 -26.62 -22.61
N GLY A 369 -6.43 -27.39 -21.54
CA GLY A 369 -7.02 -28.71 -21.44
C GLY A 369 -8.53 -28.67 -21.24
N PRO A 370 -9.23 -29.79 -21.56
CA PRO A 370 -10.69 -29.85 -21.45
C PRO A 370 -11.17 -29.76 -20.01
N GLN A 371 -10.41 -30.37 -19.09
CA GLN A 371 -10.77 -30.39 -17.68
C GLN A 371 -10.58 -29.01 -17.02
N SER A 372 -11.16 -28.84 -15.84
CA SER A 372 -11.09 -27.57 -15.13
C SER A 372 -9.77 -27.36 -14.39
N ARG A 373 -8.86 -28.32 -14.51
CA ARG A 373 -7.56 -28.26 -13.84
C ARG A 373 -6.38 -27.97 -14.78
N MET A 374 -5.61 -26.95 -14.42
CA MET A 374 -4.36 -26.64 -15.09
C MET A 374 -3.29 -27.64 -14.65
N ARG A 375 -2.28 -27.84 -15.49
CA ARG A 375 -1.15 -28.70 -15.12
C ARG A 375 0.12 -27.87 -14.97
N ILE A 376 0.61 -27.79 -13.72
CA ILE A 376 1.79 -26.99 -13.39
C ILE A 376 3.04 -27.86 -13.41
N HIS A 377 4.01 -27.47 -14.23
CA HIS A 377 5.27 -28.19 -14.32
C HIS A 377 6.32 -27.55 -13.46
N LEU A 378 6.98 -28.36 -12.64
CA LEU A 378 7.94 -27.86 -11.69
C LEU A 378 9.37 -28.37 -11.93
N LYS A 379 10.33 -27.54 -11.57
CA LYS A 379 11.74 -27.88 -11.61
C LYS A 379 12.40 -27.33 -10.37
N SER A 380 13.63 -27.79 -10.12
CA SER A 380 14.45 -27.30 -9.03
C SER A 380 14.77 -25.82 -9.22
N SER A 381 14.67 -25.05 -8.14
CA SER A 381 15.03 -23.63 -8.17
C SER A 381 16.55 -23.44 -8.21
N LYS A 382 17.27 -24.51 -7.89
CA LYS A 382 18.73 -24.51 -7.87
C LYS A 382 19.34 -24.16 -9.23
N PRO A 383 20.39 -23.33 -9.22
CA PRO A 383 21.08 -22.87 -10.42
C PRO A 383 21.72 -24.01 -11.24
N GLU A 384 21.79 -23.81 -12.55
CA GLU A 384 22.45 -24.74 -13.47
C GLU A 384 23.97 -24.65 -13.31
N VAL A 392 12.51 -32.82 -14.78
CA VAL A 392 13.37 -32.80 -13.59
C VAL A 392 12.57 -33.00 -12.30
N LYS A 393 11.43 -32.31 -12.20
CA LYS A 393 10.58 -32.44 -11.01
C LYS A 393 9.12 -32.77 -11.34
N GLU A 394 8.23 -32.60 -10.36
CA GLU A 394 6.87 -33.11 -10.48
C GLU A 394 5.94 -32.34 -11.44
N THR A 395 4.66 -32.74 -11.40
CA THR A 395 3.60 -32.02 -12.08
C THR A 395 2.42 -31.93 -11.11
N LEU A 396 1.73 -30.79 -11.10
CA LEU A 396 0.54 -30.63 -10.26
C LEU A 396 -0.69 -30.31 -11.10
N GLU A 397 -1.81 -30.93 -10.76
CA GLU A 397 -3.09 -30.59 -11.38
C GLU A 397 -3.87 -29.72 -10.41
N VAL A 398 -4.05 -28.45 -10.77
CA VAL A 398 -4.72 -27.50 -9.87
C VAL A 398 -5.90 -26.76 -10.50
N ASP A 399 -6.93 -26.59 -9.68
CA ASP A 399 -8.10 -25.81 -10.06
C ASP A 399 -7.80 -24.31 -10.07
N ALA A 400 -6.88 -23.90 -9.21
CA ALA A 400 -6.50 -22.48 -9.08
C ALA A 400 -5.06 -22.31 -8.57
N LEU A 401 -4.41 -21.26 -9.05
CA LEU A 401 -3.09 -20.88 -8.58
C LEU A 401 -3.14 -19.48 -8.01
N MET A 402 -2.84 -19.37 -6.71
CA MET A 402 -2.75 -18.08 -6.05
C MET A 402 -1.30 -17.60 -6.12
N VAL A 403 -1.10 -16.40 -6.66
CA VAL A 403 0.24 -15.88 -6.91
C VAL A 403 0.54 -14.76 -5.93
N ALA A 404 1.27 -15.10 -4.86
CA ALA A 404 1.64 -14.13 -3.84
C ALA A 404 3.07 -13.66 -4.06
N THR A 405 3.29 -12.94 -5.16
CA THR A 405 4.65 -12.57 -5.55
C THR A 405 5.00 -11.09 -5.35
N GLY A 406 4.27 -10.42 -4.45
CA GLY A 406 4.54 -9.05 -4.06
C GLY A 406 4.05 -7.96 -5.01
N TYR A 407 4.69 -6.79 -4.91
CA TYR A 407 4.21 -5.58 -5.58
C TYR A 407 5.33 -4.79 -6.24
N ASN A 408 4.95 -4.00 -7.24
CA ASN A 408 5.79 -2.93 -7.76
C ASN A 408 5.18 -1.58 -7.43
N ARG A 409 6.01 -0.55 -7.38
CA ARG A 409 5.52 0.81 -7.16
C ARG A 409 6.01 1.76 -8.26
N ASN A 410 5.63 1.46 -9.50
CA ASN A 410 6.04 2.27 -10.64
C ASN A 410 4.88 2.91 -11.40
N ALA A 411 3.67 2.80 -10.86
CA ALA A 411 2.47 3.27 -11.56
C ALA A 411 2.41 4.79 -11.72
N HIS A 412 3.12 5.51 -10.84
CA HIS A 412 3.19 6.97 -10.92
C HIS A 412 3.84 7.47 -12.19
N GLU A 413 4.71 6.65 -12.78
CA GLU A 413 5.44 7.00 -14.02
C GLU A 413 4.49 7.30 -15.18
N ARG A 414 3.48 6.43 -15.35
CA ARG A 414 2.51 6.56 -16.45
C ARG A 414 1.67 7.82 -16.29
N LEU A 415 1.30 8.13 -15.04
CA LEU A 415 0.55 9.33 -14.73
C LEU A 415 1.33 10.61 -15.04
N LEU A 416 2.66 10.51 -15.01
CA LEU A 416 3.51 11.70 -15.09
C LEU A 416 4.27 11.89 -16.40
N SER A 417 3.97 11.06 -17.41
CA SER A 417 4.73 11.09 -18.66
C SER A 417 4.74 12.45 -19.35
N LYS A 418 3.59 13.12 -19.36
CA LYS A 418 3.42 14.43 -20.01
C LYS A 418 4.07 15.59 -19.25
N VAL A 419 4.53 15.34 -18.04
CA VAL A 419 5.24 16.36 -17.27
C VAL A 419 6.75 16.07 -17.21
N GLN A 420 7.17 14.97 -17.83
CA GLN A 420 8.58 14.58 -17.86
C GLN A 420 9.52 15.65 -18.42
N HIS A 421 9.05 16.41 -19.42
CA HIS A 421 9.86 17.44 -20.07
C HIS A 421 10.19 18.61 -19.15
N LEU A 422 9.51 18.67 -18.00
CA LEU A 422 9.73 19.71 -17.00
C LEU A 422 10.91 19.43 -16.07
N ARG A 423 11.40 18.19 -16.08
CA ARG A 423 12.58 17.81 -15.32
C ARG A 423 13.82 18.47 -15.90
N PRO A 424 14.91 18.57 -15.10
CA PRO A 424 16.17 19.04 -15.65
C PRO A 424 16.60 18.19 -16.86
N THR A 425 17.07 18.86 -17.92
CA THR A 425 17.49 18.20 -19.17
C THR A 425 18.33 16.95 -18.91
N GLY A 426 17.94 15.84 -19.54
CA GLY A 426 18.75 14.61 -19.53
C GLY A 426 18.44 13.66 -18.38
N GLN A 427 17.79 14.17 -17.35
CA GLN A 427 17.46 13.39 -16.18
C GLN A 427 16.23 12.55 -16.52
N ASP A 428 16.42 11.24 -16.63
CA ASP A 428 15.34 10.34 -17.11
C ASP A 428 14.64 9.59 -15.98
N GLN A 429 14.77 10.11 -14.76
CA GLN A 429 14.05 9.54 -13.61
C GLN A 429 13.65 10.66 -12.64
N TRP A 430 12.50 10.50 -11.99
CA TRP A 430 12.03 11.47 -11.00
C TRP A 430 12.87 11.43 -9.77
N LYS A 431 13.33 12.60 -9.32
CA LYS A 431 14.16 12.68 -8.14
C LYS A 431 13.44 13.43 -7.02
N PRO A 432 12.97 12.71 -6.01
CA PRO A 432 12.28 13.40 -4.93
C PRO A 432 13.26 13.94 -3.91
N HIS A 433 13.04 15.19 -3.49
CA HIS A 433 13.82 15.78 -2.41
C HIS A 433 13.47 15.17 -1.09
N ARG A 434 14.16 15.60 -0.02
CA ARG A 434 13.83 15.15 1.34
C ARG A 434 12.34 15.39 1.68
N ASP A 435 11.80 16.52 1.25
CA ASP A 435 10.40 16.85 1.52
C ASP A 435 9.41 16.25 0.50
N TYR A 436 9.89 15.35 -0.34
CA TYR A 436 9.07 14.53 -1.26
C TYR A 436 8.68 15.21 -2.59
N ARG A 437 9.03 16.49 -2.71
CA ARG A 437 8.76 17.23 -3.93
C ARG A 437 9.78 16.85 -5.00
N VAL A 438 9.30 16.44 -6.17
CA VAL A 438 10.20 16.06 -7.27
C VAL A 438 10.97 17.26 -7.82
N GLU A 439 12.20 17.02 -8.25
CA GLU A 439 13.01 18.06 -8.84
C GLU A 439 12.43 18.42 -10.20
N MET A 440 12.24 19.72 -10.42
CA MET A 440 11.86 20.25 -11.71
C MET A 440 12.75 21.42 -12.05
N ASP A 441 12.93 21.67 -13.33
CA ASP A 441 13.76 22.76 -13.81
C ASP A 441 13.16 24.10 -13.35
N PRO A 442 13.91 24.85 -12.49
CA PRO A 442 13.48 26.14 -11.95
C PRO A 442 13.05 27.18 -13.00
N SER A 443 13.64 27.14 -14.20
CA SER A 443 13.27 28.11 -15.23
C SER A 443 12.03 27.68 -16.03
N LYS A 444 11.66 26.36 -15.90
CA LYS A 444 10.42 25.91 -16.61
C LYS A 444 9.21 25.90 -15.69
N VAL A 445 9.45 25.71 -14.39
CA VAL A 445 8.36 25.58 -13.42
C VAL A 445 8.46 26.64 -12.33
N SER A 446 7.37 27.40 -12.19
CA SER A 446 7.21 28.38 -11.14
C SER A 446 7.27 27.77 -9.73
N SER A 447 7.73 28.57 -8.77
CA SER A 447 7.95 28.13 -7.39
C SER A 447 6.66 27.71 -6.67
N GLU A 448 5.53 28.28 -7.07
CA GLU A 448 4.23 27.91 -6.48
C GLU A 448 3.70 26.55 -6.96
N ALA A 449 4.15 26.10 -8.13
CA ALA A 449 3.70 24.82 -8.67
C ALA A 449 4.66 23.69 -8.31
N GLY A 450 4.11 22.50 -8.07
CA GLY A 450 4.93 21.35 -7.74
C GLY A 450 4.22 20.01 -7.70
N ILE A 451 5.02 18.94 -7.68
CA ILE A 451 4.50 17.58 -7.58
C ILE A 451 5.25 16.81 -6.50
N TRP A 452 4.50 16.17 -5.62
CA TRP A 452 5.07 15.40 -4.51
C TRP A 452 4.73 13.95 -4.70
N LEU A 453 5.68 13.09 -4.32
CA LEU A 453 5.46 11.65 -4.36
C LEU A 453 5.40 11.05 -2.97
N GLN A 454 4.45 10.13 -2.77
CA GLN A 454 4.27 9.47 -1.48
C GLN A 454 4.10 7.97 -1.66
N GLY A 455 4.84 7.19 -0.89
CA GLY A 455 4.67 5.73 -0.88
C GLY A 455 5.45 4.95 -1.91
N CYS A 456 6.19 5.64 -2.77
CA CYS A 456 7.03 4.97 -3.78
C CYS A 456 8.51 5.33 -3.69
N ASN A 457 8.91 5.93 -2.56
CA ASN A 457 10.24 6.54 -2.41
C ASN A 457 11.24 5.78 -1.54
N GLU A 458 11.03 4.46 -1.43
CA GLU A 458 11.87 3.58 -0.60
C GLU A 458 13.37 3.73 -0.87
N ARG A 459 13.72 3.93 -2.13
CA ARG A 459 15.11 4.05 -2.57
C ARG A 459 15.84 5.27 -1.97
N THR A 460 15.07 6.34 -1.71
CA THR A 460 15.63 7.59 -1.20
C THR A 460 15.32 7.86 0.28
N HIS A 461 14.23 7.27 0.77
CA HIS A 461 13.71 7.61 2.09
C HIS A 461 13.70 6.49 3.09
N GLY A 462 13.89 5.26 2.61
CA GLY A 462 14.06 4.11 3.49
C GLY A 462 12.91 3.12 3.47
N LEU A 463 13.10 2.03 4.23
CA LEU A 463 12.11 0.95 4.31
C LEU A 463 10.76 1.36 4.89
N SER A 464 10.73 2.40 5.70
CA SER A 464 9.48 2.86 6.32
C SER A 464 8.53 3.56 5.32
N ASP A 465 9.01 3.85 4.11
CA ASP A 465 8.26 4.65 3.13
C ASP A 465 6.93 4.06 2.67
N SER A 466 6.85 2.75 2.51
CA SER A 466 5.61 2.13 2.04
C SER A 466 4.68 1.71 3.18
N LEU A 467 5.19 1.79 4.41
CA LEU A 467 4.44 1.29 5.57
C LEU A 467 3.60 2.40 6.23
N LEU A 468 2.95 2.07 7.33
CA LEU A 468 2.24 3.06 8.15
C LEU A 468 3.15 3.73 9.17
N SER A 469 4.37 3.22 9.30
CA SER A 469 5.28 3.57 10.40
C SER A 469 5.51 5.07 10.59
N VAL A 470 5.67 5.81 9.50
CA VAL A 470 5.97 7.25 9.62
C VAL A 470 4.88 8.16 9.08
N LEU A 471 3.70 7.61 8.84
CA LEU A 471 2.63 8.37 8.17
C LEU A 471 2.14 9.60 8.91
N ALA A 472 2.02 9.50 10.23
CA ALA A 472 1.58 10.63 11.06
C ALA A 472 2.57 11.79 10.97
N VAL A 473 3.85 11.48 11.14
CA VAL A 473 4.92 12.48 11.07
C VAL A 473 5.10 13.00 9.65
N ARG A 474 5.08 12.09 8.67
CA ARG A 474 5.22 12.47 7.27
C ARG A 474 4.08 13.37 6.83
N GLY A 475 2.86 13.03 7.26
CA GLY A 475 1.70 13.88 7.02
C GLY A 475 1.94 15.30 7.53
N GLY A 476 2.45 15.42 8.76
CA GLY A 476 2.78 16.71 9.35
C GLY A 476 3.81 17.48 8.54
N GLU A 477 4.83 16.77 8.06
CA GLU A 477 5.86 17.35 7.20
C GLU A 477 5.29 17.83 5.88
N MET A 478 4.45 17.01 5.27
CA MET A 478 3.86 17.31 3.98
C MET A 478 3.01 18.58 4.00
N VAL A 479 2.20 18.71 5.06
CA VAL A 479 1.35 19.89 5.25
C VAL A 479 2.20 21.16 5.36
N GLN A 480 3.34 21.07 6.03
CA GLN A 480 4.23 22.20 6.17
C GLN A 480 4.90 22.57 4.84
N SER A 481 5.33 21.55 4.11
CA SER A 481 5.95 21.72 2.80
C SER A 481 5.00 22.39 1.79
N ILE A 482 3.73 21.94 1.79
CA ILE A 482 2.73 22.38 0.80
C ILE A 482 1.98 23.66 1.20
N PHE A 483 1.60 23.76 2.46
CA PHE A 483 0.78 24.89 2.96
C PHE A 483 1.56 25.83 3.88
N GLY A 484 2.89 25.67 3.92
CA GLY A 484 3.74 26.44 4.85
C GLY A 484 3.61 27.95 4.80
N GLU A 485 3.50 28.50 3.58
CA GLU A 485 3.36 29.95 3.40
C GLU A 485 2.11 30.51 4.10
N GLN A 486 0.97 29.81 3.93
CA GLN A 486 -0.28 30.21 4.58
C GLN A 486 -0.20 30.03 6.09
N LEU A 487 0.38 28.91 6.52
CA LEU A 487 0.50 28.59 7.94
C LEU A 487 1.48 29.50 8.69
N GLU A 488 2.45 30.07 7.95
CA GLU A 488 3.38 31.04 8.56
C GLU A 488 2.70 32.38 8.79
N ARG A 489 1.90 32.82 7.81
CA ARG A 489 1.15 34.08 7.93
C ARG A 489 0.30 34.14 9.20
N ALA A 490 -0.39 33.03 9.50
CA ALA A 490 -1.16 32.91 10.72
C ALA A 490 -0.28 32.72 11.97
N ALA A 491 0.90 32.13 11.78
CA ALA A 491 1.84 31.90 12.87
C ALA A 491 2.46 33.19 13.39
PA FAD B . -2.39 2.21 -0.65
O1A FAD B . -2.81 1.68 0.70
O2A FAD B . -2.25 1.22 -1.77
O5B FAD B . -3.40 3.36 -1.09
C5B FAD B . -3.30 4.02 -2.35
C4B FAD B . -4.70 4.36 -2.85
O4B FAD B . -4.65 4.97 -4.14
C3B FAD B . -5.54 3.11 -3.02
O3B FAD B . -6.74 3.28 -2.25
C2B FAD B . -5.89 3.03 -4.49
O2B FAD B . -7.24 2.61 -4.70
C1B FAD B . -5.74 4.48 -4.93
N9A FAD B . -5.37 4.63 -6.35
C8A FAD B . -4.46 3.89 -7.00
N7A FAD B . -4.34 4.30 -8.28
C5A FAD B . -5.18 5.33 -8.45
C6A FAD B . -5.54 6.23 -9.58
N6A FAD B . -4.97 6.09 -10.79
N1A FAD B . -6.48 7.18 -9.34
C2A FAD B . -7.06 7.33 -8.13
N3A FAD B . -6.77 6.55 -7.07
C4A FAD B . -5.86 5.55 -7.17
N1 FAD B . 2.07 -1.72 6.64
C2 FAD B . 2.17 -1.56 7.98
O2 FAD B . 2.91 -0.66 8.44
N3 FAD B . 1.51 -2.34 8.86
C4 FAD B . 0.69 -3.33 8.48
O4 FAD B . 0.09 -4.03 9.32
C4X FAD B . 0.54 -3.57 7.02
N5 FAD B . -0.25 -4.55 6.55
C5X FAD B . -0.39 -4.75 5.22
C6 FAD B . -1.23 -5.78 4.80
C7 FAD B . -1.39 -6.04 3.45
C7M FAD B . -2.29 -7.15 3.02
C8 FAD B . -0.66 -5.21 2.44
C8M FAD B . -0.82 -5.46 0.96
C9 FAD B . 0.18 -4.18 2.87
C9A FAD B . 0.34 -3.92 4.23
N10 FAD B . 1.19 -2.88 4.70
C10 FAD B . 1.30 -2.69 6.10
C1' FAD B . 1.94 -2.00 3.80
C2' FAD B . 1.04 -0.99 3.08
O2' FAD B . 1.82 -0.47 2.00
C3' FAD B . 0.51 0.17 3.93
O3' FAD B . -0.19 -0.30 5.08
C4' FAD B . -0.42 1.13 3.19
O4' FAD B . -1.38 0.45 2.36
C5' FAD B . 0.34 2.13 2.32
O5' FAD B . -0.53 3.21 2.06
P FAD B . -0.55 3.99 0.66
O1P FAD B . 0.86 4.40 0.29
O2P FAD B . -1.60 5.05 0.78
O3P FAD B . -0.95 2.93 -0.49
PA NDP C . 6.78 -10.11 -0.68
O1A NDP C . 7.48 -9.32 -1.75
O2A NDP C . 7.16 -9.85 0.77
O5B NDP C . 6.98 -11.64 -1.01
C5B NDP C . 6.83 -12.09 -2.36
C4B NDP C . 7.22 -13.56 -2.46
O4B NDP C . 7.08 -13.98 -3.83
C3B NDP C . 8.67 -13.81 -2.08
O3B NDP C . 8.71 -15.04 -1.32
C2B NDP C . 9.37 -13.98 -3.41
O2B NDP C . 10.50 -14.83 -3.34
C1B NDP C . 8.29 -14.57 -4.30
N9A NDP C . 8.47 -14.24 -5.73
C8A NDP C . 8.52 -13.00 -6.26
N7A NDP C . 8.69 -13.08 -7.61
C5A NDP C . 8.73 -14.39 -7.94
C6A NDP C . 8.88 -15.17 -9.18
N6A NDP C . 9.01 -14.56 -10.37
N1A NDP C . 8.88 -16.52 -9.09
C2A NDP C . 8.73 -17.16 -7.90
N3A NDP C . 8.60 -16.50 -6.74
C4A NDP C . 8.59 -15.14 -6.69
O3 NDP C . 5.20 -9.87 -0.92
PN NDP C . 4.00 -10.04 0.16
O1N NDP C . 2.72 -9.72 -0.57
O2N NDP C . 4.17 -11.34 0.90
O5D NDP C . 4.27 -8.84 1.18
C5D NDP C . 4.19 -7.47 0.76
C4D NDP C . 4.04 -6.61 2.00
O4D NDP C . 2.70 -6.72 2.53
C3D NDP C . 4.99 -7.08 3.10
O3D NDP C . 5.71 -5.95 3.61
C2D NDP C . 4.09 -7.70 4.16
O2D NDP C . 4.57 -7.44 5.49
C1D NDP C . 2.74 -7.06 3.92
N1N NDP C . 1.65 -7.98 4.29
C2N NDP C . 1.07 -7.83 5.50
C3N NDP C . 0.05 -8.66 5.93
C7N NDP C . -0.57 -8.44 7.30
O7N NDP C . -0.54 -7.32 7.81
N7N NDP C . -1.15 -9.46 7.91
C4N NDP C . -0.47 -9.78 5.06
C5N NDP C . 0.24 -9.84 3.78
C6N NDP C . 1.27 -8.95 3.45
P2B NDP C . 12.00 -14.22 -3.26
O1X NDP C . 12.07 -13.18 -4.35
O2X NDP C . 12.11 -13.64 -1.88
O3X NDP C . 12.85 -15.45 -3.46
S SO4 D . -14.92 3.24 26.44
O1 SO4 D . -14.93 3.31 24.96
O2 SO4 D . -14.41 1.93 26.87
O3 SO4 D . -16.29 3.42 26.95
O4 SO4 D . -14.04 4.31 26.97
C1 GOL E . 11.75 -15.21 -13.08
O1 GOL E . 12.38 -14.64 -11.94
C2 GOL E . 10.35 -14.63 -13.25
O2 GOL E . 9.50 -15.54 -13.97
C3 GOL E . 10.42 -13.28 -13.98
O3 GOL E . 9.58 -12.33 -13.32
C1 GOL F . 2.90 -1.21 -2.12
O1 GOL F . 3.90 -2.25 -2.04
C2 GOL F . 1.86 -1.42 -1.03
O2 GOL F . 1.60 -2.82 -0.88
C3 GOL F . 0.58 -0.67 -1.39
O3 GOL F . -0.13 -1.37 -2.42
C1 GOL G . 7.44 -29.76 8.33
O1 GOL G . 6.66 -30.42 7.32
C2 GOL G . 7.76 -30.75 9.45
O2 GOL G . 8.53 -31.81 8.89
C3 GOL G . 6.47 -31.31 10.07
O3 GOL G . 6.78 -32.46 10.86
C1 GOL H . -1.68 -27.38 -22.73
O1 GOL H . -3.07 -27.24 -22.40
C2 GOL H . -1.13 -26.16 -23.46
O2 GOL H . -2.00 -25.78 -24.51
C3 GOL H . -0.98 -24.96 -22.53
O3 GOL H . 0.38 -24.52 -22.57
#